data_8OH1
#
_entry.id   8OH1
#
_cell.length_a   119.010
_cell.length_b   39.340
_cell.length_c   68.270
_cell.angle_alpha   90.000
_cell.angle_beta   95.340
_cell.angle_gamma   90.000
#
_symmetry.space_group_name_H-M   'C 1 2 1'
#
loop_
_entity.id
_entity.type
_entity.pdbx_description
1 polymer 'Cyclic di-AMP synthase CdaA'
2 non-polymer 3-phenyl-1,2-oxazol-5-amine
3 non-polymer 'MAGNESIUM ION'
4 water water
#
_entity_poly.entity_id   1
_entity_poly.type   'polypeptide(L)'
_entity_poly.pdbx_seq_one_letter_code
;GPTPVEEAQQKTIEAITKAINYMAKRRIGALLTIERDTGMGDYIETGIPLNAKVSSELLINIFIPNTPLHDGAVIMKNNE
IAAAACYLPLSESPFISKELGTRHRAAVGISEVTDSLTIIVSEETGGVSVAKNGDLHRELTEEALKEMLEAEFK
;
_entity_poly.pdbx_strand_id   A,B
#
# COMPACT_ATOMS: atom_id res chain seq x y z
N PRO A 2 3.59 -8.02 -29.28
CA PRO A 2 4.36 -8.02 -28.02
C PRO A 2 4.23 -9.34 -27.26
N THR A 3 5.30 -9.76 -26.59
CA THR A 3 5.28 -10.96 -25.76
C THR A 3 4.65 -10.67 -24.41
N PRO A 4 4.41 -11.69 -23.58
CA PRO A 4 3.89 -11.43 -22.22
C PRO A 4 4.86 -10.63 -21.38
N VAL A 5 6.16 -10.88 -21.49
CA VAL A 5 7.16 -10.18 -20.70
C VAL A 5 7.20 -8.72 -21.10
N GLU A 6 7.09 -8.45 -22.40
CA GLU A 6 7.13 -7.07 -22.88
C GLU A 6 5.88 -6.29 -22.49
N GLU A 7 4.72 -6.95 -22.58
CA GLU A 7 3.48 -6.30 -22.16
C GLU A 7 3.51 -5.98 -20.67
N ALA A 8 4.10 -6.87 -19.88
CA ALA A 8 4.20 -6.64 -18.44
C ALA A 8 5.13 -5.47 -18.11
N GLN A 9 6.27 -5.39 -18.82
CA GLN A 9 7.20 -4.28 -18.58
C GLN A 9 6.55 -2.96 -18.92
N GLN A 10 5.80 -2.92 -20.03
CA GLN A 10 5.15 -1.66 -20.40
C GLN A 10 4.06 -1.29 -19.39
N LYS A 11 3.32 -2.27 -18.89
CA LYS A 11 2.30 -1.97 -17.88
C LYS A 11 2.94 -1.36 -16.63
N THR A 12 4.09 -1.90 -16.21
CA THR A 12 4.77 -1.37 -15.04
C THR A 12 5.29 0.05 -15.29
N ILE A 13 5.84 0.30 -16.47
CA ILE A 13 6.30 1.65 -16.78
C ILE A 13 5.13 2.62 -16.74
N GLU A 14 3.99 2.23 -17.29
CA GLU A 14 2.83 3.12 -17.28
C GLU A 14 2.33 3.36 -15.86
N ALA A 15 2.32 2.32 -15.02
CA ALA A 15 1.92 2.51 -13.63
C ALA A 15 2.85 3.48 -12.91
N ILE A 16 4.17 3.33 -13.13
CA ILE A 16 5.14 4.21 -12.49
C ILE A 16 4.93 5.65 -12.95
N THR A 17 4.83 5.86 -14.26
CA THR A 17 4.76 7.22 -14.77
C THR A 17 3.46 7.90 -14.31
N LYS A 18 2.35 7.17 -14.22
CA LYS A 18 1.10 7.74 -13.72
C LYS A 18 1.25 8.15 -12.26
N ALA A 19 1.89 7.31 -11.44
CA ALA A 19 2.08 7.67 -10.04
C ALA A 19 2.99 8.88 -9.90
N ILE A 20 4.10 8.89 -10.63
CA ILE A 20 5.05 10.00 -10.56
C ILE A 20 4.39 11.30 -10.98
N ASN A 21 3.56 11.25 -12.03
CA ASN A 21 2.87 12.47 -12.50
C ASN A 21 1.95 13.02 -11.42
N TYR A 22 1.22 12.14 -10.74
N TYR A 22 1.21 12.14 -10.74
CA TYR A 22 0.32 12.61 -9.69
CA TYR A 22 0.31 12.63 -9.70
C TYR A 22 1.10 13.21 -8.54
C TYR A 22 1.09 13.21 -8.52
N MET A 23 2.17 12.54 -8.11
CA MET A 23 2.96 13.07 -7.02
C MET A 23 3.64 14.39 -7.39
N ALA A 24 4.09 14.53 -8.64
CA ALA A 24 4.72 15.78 -9.06
C ALA A 24 3.72 16.93 -8.99
N LYS A 25 2.49 16.68 -9.45
CA LYS A 25 1.43 17.69 -9.41
C LYS A 25 1.12 18.15 -7.97
N ARG A 26 1.14 17.24 -7.02
CA ARG A 26 0.80 17.53 -5.63
C ARG A 26 2.02 17.83 -4.78
N ARG A 27 3.21 17.80 -5.37
CA ARG A 27 4.45 18.01 -4.63
C ARG A 27 4.54 17.08 -3.43
N ILE A 28 4.32 15.79 -3.71
CA ILE A 28 4.48 14.71 -2.75
C ILE A 28 5.89 14.14 -2.95
N GLY A 29 6.73 14.24 -1.93
CA GLY A 29 8.07 13.68 -2.04
C GLY A 29 8.02 12.17 -2.21
N ALA A 30 8.86 11.66 -3.10
CA ALA A 30 8.87 10.23 -3.37
C ALA A 30 10.27 9.80 -3.73
N LEU A 31 10.55 8.52 -3.47
CA LEU A 31 11.85 7.91 -3.68
C LEU A 31 11.63 6.46 -4.08
N LEU A 32 11.88 6.14 -5.33
CA LEU A 32 11.53 4.83 -5.90
C LEU A 32 12.73 4.27 -6.65
N THR A 33 13.32 3.19 -6.13
CA THR A 33 14.51 2.58 -6.70
C THR A 33 14.12 1.27 -7.36
N ILE A 34 14.56 1.10 -8.61
CA ILE A 34 14.33 -0.10 -9.38
C ILE A 34 15.63 -0.88 -9.38
N GLU A 35 15.61 -2.05 -8.72
CA GLU A 35 16.77 -2.93 -8.71
C GLU A 35 17.03 -3.46 -10.10
N ARG A 36 18.31 -3.54 -10.45
CA ARG A 36 18.72 -4.07 -11.76
C ARG A 36 19.63 -5.28 -11.51
N ASP A 37 20.84 -5.30 -12.06
CA ASP A 37 21.67 -6.49 -11.93
C ASP A 37 22.33 -6.58 -10.57
N THR A 38 22.61 -5.45 -9.92
CA THR A 38 23.25 -5.49 -8.61
C THR A 38 22.17 -5.74 -7.58
N GLY A 39 22.29 -6.84 -6.84
CA GLY A 39 21.27 -7.17 -5.85
C GLY A 39 21.24 -6.16 -4.72
N MET A 40 20.03 -5.88 -4.23
CA MET A 40 19.81 -4.82 -3.24
C MET A 40 19.09 -5.43 -2.04
N GLY A 41 19.27 -6.72 -1.82
CA GLY A 41 18.58 -7.39 -0.73
C GLY A 41 18.85 -6.76 0.62
N ASP A 42 20.09 -6.34 0.87
CA ASP A 42 20.42 -5.76 2.16
C ASP A 42 19.64 -4.47 2.42
N TYR A 43 19.35 -3.70 1.37
CA TYR A 43 18.53 -2.51 1.55
C TYR A 43 17.04 -2.84 1.61
N ILE A 44 16.58 -3.80 0.80
CA ILE A 44 15.19 -4.25 0.88
C ILE A 44 14.85 -4.68 2.30
N GLU A 45 15.78 -5.35 2.96
CA GLU A 45 15.51 -5.90 4.28
C GLU A 45 15.37 -4.85 5.36
N THR A 46 15.76 -3.61 5.09
CA THR A 46 15.61 -2.55 6.08
C THR A 46 14.20 -1.99 6.10
N GLY A 47 13.37 -2.29 5.11
CA GLY A 47 12.05 -1.71 4.98
C GLY A 47 10.95 -2.65 5.44
N ILE A 48 9.72 -2.24 5.14
CA ILE A 48 8.53 -3.03 5.44
C ILE A 48 8.26 -3.93 4.24
N PRO A 49 8.26 -5.26 4.41
CA PRO A 49 8.02 -6.14 3.26
C PRO A 49 6.62 -5.97 2.70
N LEU A 50 6.55 -5.91 1.36
CA LEU A 50 5.29 -5.87 0.63
C LEU A 50 5.16 -7.00 -0.38
N ASN A 51 6.17 -7.22 -1.21
CA ASN A 51 6.09 -8.16 -2.32
C ASN A 51 4.74 -8.02 -3.04
N ALA A 52 4.39 -6.78 -3.41
CA ALA A 52 3.10 -6.43 -3.94
C ALA A 52 3.13 -6.24 -5.46
N LYS A 53 2.01 -6.51 -6.10
CA LYS A 53 1.85 -6.12 -7.49
C LYS A 53 1.96 -4.60 -7.62
N VAL A 54 2.60 -4.18 -8.71
CA VAL A 54 2.68 -2.74 -8.98
C VAL A 54 1.32 -2.23 -9.42
N SER A 55 0.93 -1.08 -8.91
CA SER A 55 -0.16 -0.30 -9.48
C SER A 55 0.17 1.15 -9.22
N SER A 56 -0.35 2.04 -10.06
CA SER A 56 -0.19 3.47 -9.76
C SER A 56 -0.84 3.82 -8.44
N GLU A 57 -1.98 3.20 -8.16
CA GLU A 57 -2.73 3.47 -6.93
C GLU A 57 -1.90 3.12 -5.69
N LEU A 58 -1.30 1.93 -5.66
CA LEU A 58 -0.50 1.56 -4.49
C LEU A 58 0.71 2.48 -4.34
N LEU A 59 1.39 2.82 -5.44
CA LEU A 59 2.53 3.72 -5.34
C LEU A 59 2.14 5.05 -4.72
N ILE A 60 1.02 5.62 -5.18
CA ILE A 60 0.56 6.90 -4.61
C ILE A 60 0.24 6.73 -3.14
N ASN A 61 -0.51 5.66 -2.80
CA ASN A 61 -0.90 5.48 -1.39
C ASN A 61 0.31 5.37 -0.48
N ILE A 62 1.39 4.73 -0.97
CA ILE A 62 2.59 4.55 -0.16
C ILE A 62 3.19 5.89 0.26
N PHE A 63 3.28 6.85 -0.67
CA PHE A 63 4.04 8.08 -0.42
C PHE A 63 3.23 9.22 0.19
N ILE A 64 1.96 9.02 0.49
CA ILE A 64 1.21 10.13 1.08
C ILE A 64 1.91 10.62 2.35
N PRO A 65 2.09 11.92 2.55
CA PRO A 65 2.88 12.37 3.70
C PRO A 65 2.19 12.02 5.02
N ASN A 66 3.01 11.89 6.06
CA ASN A 66 2.55 11.63 7.43
C ASN A 66 1.86 10.29 7.56
N THR A 67 2.28 9.32 6.77
CA THR A 67 1.75 7.97 6.85
C THR A 67 2.87 7.01 7.21
N PRO A 68 2.53 5.81 7.67
CA PRO A 68 3.60 4.88 8.05
C PRO A 68 4.61 4.56 6.96
N LEU A 69 4.21 4.48 5.70
CA LEU A 69 5.11 3.98 4.66
C LEU A 69 5.87 5.05 3.90
N HIS A 70 5.61 6.33 4.17
CA HIS A 70 6.09 7.35 3.27
C HIS A 70 7.56 7.72 3.47
N ASP A 71 8.18 7.36 4.60
CA ASP A 71 9.54 7.81 4.95
C ASP A 71 10.56 6.74 4.56
N GLY A 72 11.27 6.97 3.48
CA GLY A 72 12.25 6.03 2.95
C GLY A 72 11.91 5.67 1.52
N ALA A 73 12.66 4.72 0.99
CA ALA A 73 12.54 4.34 -0.42
C ALA A 73 11.60 3.15 -0.60
N VAL A 74 10.85 3.18 -1.69
CA VAL A 74 10.26 1.96 -2.27
C VAL A 74 11.33 1.31 -3.14
N ILE A 75 11.49 0.00 -3.02
CA ILE A 75 12.41 -0.74 -3.87
C ILE A 75 11.59 -1.74 -4.65
N MET A 76 11.71 -1.67 -5.96
CA MET A 76 11.11 -2.60 -6.88
C MET A 76 12.10 -3.65 -7.36
N LYS A 77 11.62 -4.87 -7.53
CA LYS A 77 12.43 -6.00 -7.94
C LYS A 77 11.50 -7.01 -8.63
N ASN A 78 11.95 -7.54 -9.75
CA ASN A 78 11.20 -8.55 -10.50
C ASN A 78 9.74 -8.16 -10.70
N ASN A 79 9.53 -6.88 -11.06
CA ASN A 79 8.21 -6.37 -11.48
C ASN A 79 7.21 -6.33 -10.32
N GLU A 80 7.73 -6.24 -9.10
CA GLU A 80 6.90 -6.11 -7.91
C GLU A 80 7.50 -5.04 -7.02
N ILE A 81 6.67 -4.53 -6.11
CA ILE A 81 7.15 -3.66 -5.05
C ILE A 81 7.64 -4.58 -3.93
N ALA A 82 8.96 -4.65 -3.73
CA ALA A 82 9.52 -5.56 -2.75
C ALA A 82 9.26 -5.05 -1.34
N ALA A 83 9.56 -3.78 -1.10
CA ALA A 83 9.43 -3.21 0.23
C ALA A 83 9.29 -1.69 0.12
N ALA A 84 8.79 -1.10 1.20
CA ALA A 84 8.66 0.35 1.31
C ALA A 84 9.37 0.81 2.57
N ALA A 85 9.59 2.13 2.69
CA ALA A 85 10.26 2.70 3.86
C ALA A 85 11.65 2.11 4.06
N CYS A 86 12.37 1.88 2.97
CA CYS A 86 13.71 1.32 3.05
C CYS A 86 14.77 2.39 3.20
N TYR A 87 15.85 2.02 3.88
CA TYR A 87 17.05 2.83 3.95
C TYR A 87 17.84 2.75 2.66
N LEU A 88 18.37 3.90 2.22
CA LEU A 88 19.39 3.95 1.18
C LEU A 88 20.54 4.81 1.72
N PRO A 89 21.77 4.56 1.27
CA PRO A 89 22.92 5.29 1.78
C PRO A 89 22.98 6.70 1.20
N LEU A 90 23.32 7.65 2.06
CA LEU A 90 23.44 9.04 1.62
C LEU A 90 24.75 9.28 0.88
N SER A 91 24.65 9.86 -0.32
CA SER A 91 25.85 10.28 -1.04
C SER A 91 26.58 11.38 -0.28
N GLU A 92 27.91 11.33 -0.37
CA GLU A 92 28.78 12.40 0.06
C GLU A 92 29.32 13.19 -1.12
N SER A 93 28.74 13.03 -2.29
CA SER A 93 29.24 13.72 -3.47
C SER A 93 29.11 15.23 -3.29
N PRO A 94 30.16 16.00 -3.55
CA PRO A 94 30.02 17.46 -3.47
C PRO A 94 29.38 18.09 -4.68
N PHE A 95 28.95 17.30 -5.68
CA PHE A 95 28.49 17.79 -6.98
C PHE A 95 26.99 17.66 -7.18
N ILE A 96 26.26 17.48 -6.10
CA ILE A 96 24.82 17.51 -6.10
C ILE A 96 24.39 18.94 -5.79
N SER A 97 23.36 19.42 -6.51
CA SER A 97 22.87 20.76 -6.28
C SER A 97 22.61 21.00 -4.80
N LYS A 98 23.10 22.15 -4.30
CA LYS A 98 23.16 22.36 -2.86
C LYS A 98 21.78 22.59 -2.25
N GLU A 99 20.79 22.93 -3.05
CA GLU A 99 19.45 23.09 -2.49
C GLU A 99 18.71 21.79 -2.24
N LEU A 100 19.25 20.66 -2.70
CA LEU A 100 18.56 19.38 -2.58
C LEU A 100 18.90 18.74 -1.24
N GLY A 101 17.95 17.97 -0.74
CA GLY A 101 18.07 17.38 0.57
C GLY A 101 18.26 15.88 0.54
N THR A 102 17.79 15.23 1.60
CA THR A 102 18.23 13.86 1.85
C THR A 102 17.64 12.86 0.86
N ARG A 103 16.42 13.07 0.37
CA ARG A 103 15.84 12.14 -0.61
C ARG A 103 16.73 12.04 -1.84
N HIS A 104 17.17 13.18 -2.34
CA HIS A 104 18.04 13.18 -3.51
C HIS A 104 19.41 12.60 -3.19
N ARG A 105 19.95 12.91 -2.01
CA ARG A 105 21.26 12.37 -1.63
C ARG A 105 21.19 10.86 -1.45
N ALA A 106 20.07 10.35 -0.94
CA ALA A 106 19.89 8.91 -0.82
C ALA A 106 19.83 8.25 -2.20
N ALA A 107 19.12 8.88 -3.14
CA ALA A 107 19.03 8.34 -4.49
C ALA A 107 20.40 8.30 -5.16
N VAL A 108 21.15 9.40 -5.08
CA VAL A 108 22.49 9.40 -5.65
C VAL A 108 23.36 8.38 -4.94
N GLY A 109 23.20 8.25 -3.61
CA GLY A 109 24.04 7.33 -2.87
C GLY A 109 23.85 5.88 -3.29
N ILE A 110 22.60 5.44 -3.45
CA ILE A 110 22.41 4.04 -3.89
C ILE A 110 22.90 3.89 -5.32
N SER A 111 22.78 4.94 -6.15
CA SER A 111 23.25 4.86 -7.54
C SER A 111 24.77 4.80 -7.67
N GLU A 112 25.50 5.14 -6.62
CA GLU A 112 26.95 5.08 -6.60
C GLU A 112 27.48 3.67 -6.41
N VAL A 113 26.66 2.77 -5.86
CA VAL A 113 27.12 1.44 -5.46
C VAL A 113 26.26 0.33 -6.05
N THR A 114 25.39 0.68 -6.97
CA THR A 114 24.56 -0.27 -7.69
C THR A 114 24.32 0.27 -9.08
N ASP A 115 23.81 -0.60 -9.97
CA ASP A 115 23.36 -0.19 -11.30
C ASP A 115 21.87 0.14 -11.33
N SER A 116 21.28 0.43 -10.17
CA SER A 116 19.84 0.68 -10.11
C SER A 116 19.50 2.02 -10.72
N LEU A 117 18.20 2.21 -11.00
CA LEU A 117 17.65 3.49 -11.43
C LEU A 117 16.71 3.97 -10.35
N THR A 118 16.90 5.20 -9.86
CA THR A 118 16.05 5.73 -8.80
C THR A 118 15.34 6.97 -9.31
N ILE A 119 14.04 7.06 -9.07
CA ILE A 119 13.23 8.23 -9.38
C ILE A 119 12.96 8.98 -8.11
N ILE A 120 13.10 10.30 -8.16
CA ILE A 120 12.84 11.17 -7.02
C ILE A 120 11.81 12.22 -7.44
N VAL A 121 10.81 12.44 -6.57
CA VAL A 121 9.94 13.61 -6.69
C VAL A 121 10.26 14.54 -5.53
N SER A 122 10.52 15.81 -5.85
CA SER A 122 10.77 16.81 -4.82
C SER A 122 9.49 17.27 -4.13
N GLU A 123 9.52 17.25 -2.81
CA GLU A 123 8.42 17.84 -2.05
C GLU A 123 8.43 19.34 -2.09
N GLU A 124 9.56 19.94 -2.48
CA GLU A 124 9.62 21.40 -2.51
C GLU A 124 9.07 21.95 -3.81
N THR A 125 9.32 21.27 -4.92
CA THR A 125 8.96 21.81 -6.22
C THR A 125 8.10 20.88 -7.05
N GLY A 126 7.97 19.61 -6.69
CA GLY A 126 7.38 18.65 -7.58
C GLY A 126 8.25 18.24 -8.75
N GLY A 127 9.48 18.74 -8.81
CA GLY A 127 10.38 18.34 -9.86
C GLY A 127 10.73 16.86 -9.78
N VAL A 128 10.88 16.25 -10.96
CA VAL A 128 11.19 14.83 -11.10
C VAL A 128 12.63 14.69 -11.55
N SER A 129 13.37 13.80 -10.89
CA SER A 129 14.76 13.54 -11.24
C SER A 129 15.03 12.05 -11.18
N VAL A 130 16.14 11.64 -11.78
CA VAL A 130 16.56 10.24 -11.80
C VAL A 130 18.03 10.16 -11.42
N ALA A 131 18.37 9.23 -10.54
CA ALA A 131 19.75 8.97 -10.19
C ALA A 131 20.20 7.65 -10.78
N LYS A 132 21.35 7.67 -11.44
CA LYS A 132 21.95 6.49 -12.03
C LYS A 132 23.45 6.74 -12.11
N ASN A 133 24.25 5.73 -11.79
CA ASN A 133 25.69 5.78 -11.95
C ASN A 133 26.36 6.89 -11.15
N GLY A 134 25.74 7.41 -10.10
CA GLY A 134 26.30 8.50 -9.32
C GLY A 134 25.92 9.90 -9.78
N ASP A 135 25.12 10.03 -10.81
CA ASP A 135 24.67 11.31 -11.30
C ASP A 135 23.18 11.46 -11.15
N LEU A 136 22.77 12.70 -10.96
CA LEU A 136 21.38 13.07 -10.83
C LEU A 136 20.98 13.87 -12.06
N HIS A 137 19.92 13.43 -12.71
CA HIS A 137 19.36 14.08 -13.89
C HIS A 137 18.08 14.76 -13.48
N ARG A 138 18.09 16.10 -13.50
CA ARG A 138 17.07 16.89 -12.85
C ARG A 138 16.07 17.41 -13.84
N GLU A 139 14.93 17.82 -13.28
CA GLU A 139 13.92 18.60 -13.99
C GLU A 139 13.47 17.89 -15.26
N LEU A 140 13.09 16.63 -15.10
CA LEU A 140 12.70 15.82 -16.22
C LEU A 140 11.27 16.11 -16.62
N THR A 141 11.04 16.13 -17.94
CA THR A 141 9.71 16.05 -18.50
C THR A 141 9.18 14.63 -18.38
N GLU A 142 7.88 14.48 -18.61
CA GLU A 142 7.28 13.16 -18.62
C GLU A 142 7.89 12.30 -19.71
N GLU A 143 8.11 12.88 -20.89
CA GLU A 143 8.71 12.11 -21.97
C GLU A 143 10.12 11.67 -21.63
N ALA A 144 10.89 12.54 -20.96
CA ALA A 144 12.25 12.20 -20.58
C ALA A 144 12.27 11.03 -19.58
N LEU A 145 11.36 11.04 -18.61
CA LEU A 145 11.33 9.94 -17.65
C LEU A 145 10.98 8.64 -18.35
N LYS A 146 9.96 8.67 -19.22
CA LYS A 146 9.59 7.46 -19.95
C LYS A 146 10.76 6.94 -20.77
N GLU A 147 11.50 7.83 -21.44
CA GLU A 147 12.65 7.39 -22.22
C GLU A 147 13.67 6.69 -21.33
N MET A 148 13.92 7.23 -20.15
CA MET A 148 14.88 6.61 -19.24
C MET A 148 14.41 5.25 -18.81
N LEU A 149 13.13 5.12 -18.47
CA LEU A 149 12.61 3.83 -18.05
C LEU A 149 12.68 2.83 -19.19
N GLU A 150 12.34 3.25 -20.42
CA GLU A 150 12.41 2.31 -21.54
C GLU A 150 13.85 1.94 -21.86
N ALA A 151 14.77 2.89 -21.76
CA ALA A 151 16.18 2.58 -22.01
C ALA A 151 16.71 1.62 -20.97
N GLU A 152 16.26 1.78 -19.73
CA GLU A 152 16.74 0.97 -18.64
C GLU A 152 16.29 -0.47 -18.86
N PRO B 2 4.65 -23.40 18.92
CA PRO B 2 3.60 -23.02 17.96
C PRO B 2 4.07 -23.41 16.57
N THR B 3 3.19 -23.88 15.68
CA THR B 3 3.65 -24.16 14.32
C THR B 3 3.89 -22.86 13.55
N PRO B 4 4.66 -22.92 12.47
CA PRO B 4 4.80 -21.72 11.63
C PRO B 4 3.47 -21.15 11.17
N VAL B 5 2.50 -22.00 10.81
CA VAL B 5 1.18 -21.53 10.41
C VAL B 5 0.55 -20.73 11.53
N GLU B 6 0.68 -21.24 12.76
CA GLU B 6 0.08 -20.58 13.91
C GLU B 6 0.78 -19.27 14.23
N GLU B 7 2.12 -19.24 14.11
CA GLU B 7 2.86 -18.00 14.32
C GLU B 7 2.48 -16.96 13.27
N ALA B 8 2.34 -17.39 12.02
CA ALA B 8 1.96 -16.45 10.97
C ALA B 8 0.58 -15.89 11.24
N GLN B 9 -0.35 -16.74 11.67
CA GLN B 9 -1.67 -16.25 12.03
C GLN B 9 -1.60 -15.22 13.13
N GLN B 10 -0.79 -15.45 14.14
CA GLN B 10 -0.70 -14.51 15.25
C GLN B 10 -0.14 -13.17 14.78
N LYS B 11 0.87 -13.21 13.91
CA LYS B 11 1.42 -11.97 13.35
C LYS B 11 0.36 -11.20 12.57
N THR B 12 -0.42 -11.92 11.75
CA THR B 12 -1.46 -11.26 10.96
C THR B 12 -2.50 -10.61 11.87
N ILE B 13 -2.89 -11.30 12.94
CA ILE B 13 -3.85 -10.73 13.88
C ILE B 13 -3.27 -9.50 14.54
N GLU B 14 -2.00 -9.56 14.95
CA GLU B 14 -1.38 -8.39 15.57
C GLU B 14 -1.34 -7.21 14.60
N ALA B 15 -1.07 -7.49 13.32
CA ALA B 15 -1.00 -6.41 12.32
C ALA B 15 -2.38 -5.79 12.11
N ILE B 16 -3.42 -6.62 12.01
CA ILE B 16 -4.77 -6.11 11.83
C ILE B 16 -5.20 -5.27 13.03
N THR B 17 -5.01 -5.81 14.25
CA THR B 17 -5.48 -5.08 15.43
C THR B 17 -4.76 -3.75 15.59
N LYS B 18 -3.44 -3.72 15.34
CA LYS B 18 -2.71 -2.47 15.44
C LYS B 18 -3.23 -1.45 14.44
N ALA B 19 -3.53 -1.90 13.21
CA ALA B 19 -4.03 -0.97 12.21
C ALA B 19 -5.42 -0.47 12.57
N ILE B 20 -6.30 -1.37 13.01
CA ILE B 20 -7.66 -0.98 13.35
C ILE B 20 -7.65 0.02 14.51
N ASN B 21 -6.81 -0.22 15.52
CA ASN B 21 -6.78 0.68 16.67
C ASN B 21 -6.29 2.07 16.24
N TYR B 22 -5.26 2.11 15.38
CA TYR B 22 -4.75 3.37 14.84
C TYR B 22 -5.83 4.13 14.08
N MET B 23 -6.56 3.42 13.21
CA MET B 23 -7.59 4.08 12.43
C MET B 23 -8.76 4.53 13.28
N ALA B 24 -9.18 3.72 14.26
CA ALA B 24 -10.28 4.13 15.11
C ALA B 24 -9.97 5.44 15.81
N LYS B 25 -8.76 5.57 16.35
CA LYS B 25 -8.42 6.78 17.10
C LYS B 25 -8.47 8.02 16.22
N ARG B 26 -8.19 7.87 14.92
CA ARG B 26 -8.11 8.99 14.00
C ARG B 26 -9.35 9.15 13.14
N ARG B 27 -10.37 8.34 13.38
CA ARG B 27 -11.59 8.41 12.59
C ARG B 27 -11.30 8.18 11.11
N ILE B 28 -10.40 7.24 10.82
CA ILE B 28 -10.15 6.79 9.46
C ILE B 28 -11.12 5.65 9.20
N GLY B 29 -12.10 5.91 8.35
CA GLY B 29 -13.04 4.87 7.98
C GLY B 29 -12.34 3.74 7.28
N ALA B 30 -12.76 2.51 7.58
CA ALA B 30 -12.08 1.35 7.03
C ALA B 30 -13.06 0.21 6.91
N LEU B 31 -12.78 -0.67 5.97
CA LEU B 31 -13.64 -1.81 5.66
C LEU B 31 -12.70 -2.94 5.24
N LEU B 32 -12.59 -3.98 6.08
CA LEU B 32 -11.58 -5.01 5.94
C LEU B 32 -12.23 -6.37 6.11
N THR B 33 -12.31 -7.11 5.02
CA THR B 33 -12.93 -8.44 5.02
C THR B 33 -11.87 -9.50 4.98
N ILE B 34 -11.97 -10.46 5.88
CA ILE B 34 -11.06 -11.60 5.95
C ILE B 34 -11.80 -12.81 5.38
N GLU B 35 -11.32 -13.30 4.24
CA GLU B 35 -11.87 -14.48 3.61
C GLU B 35 -11.65 -15.66 4.53
N ARG B 36 -12.65 -16.52 4.59
CA ARG B 36 -12.54 -17.77 5.36
C ARG B 36 -12.72 -18.94 4.38
N ASP B 37 -13.70 -19.83 4.61
CA ASP B 37 -13.79 -21.02 3.76
C ASP B 37 -14.60 -20.79 2.49
N THR B 38 -15.48 -19.80 2.47
CA THR B 38 -16.18 -19.44 1.23
C THR B 38 -15.28 -18.52 0.41
N GLY B 39 -14.90 -18.97 -0.79
CA GLY B 39 -13.99 -18.18 -1.60
C GLY B 39 -14.65 -16.91 -2.06
N MET B 40 -13.86 -15.83 -2.08
CA MET B 40 -14.35 -14.51 -2.44
C MET B 40 -13.73 -13.95 -3.71
N GLY B 41 -13.28 -14.85 -4.59
CA GLY B 41 -12.61 -14.41 -5.82
C GLY B 41 -13.40 -13.38 -6.60
N ASP B 42 -14.72 -13.57 -6.72
CA ASP B 42 -15.52 -12.67 -7.53
C ASP B 42 -15.43 -11.23 -7.01
N TYR B 43 -15.33 -11.08 -5.69
CA TYR B 43 -15.24 -9.74 -5.08
C TYR B 43 -13.81 -9.23 -5.13
N ILE B 44 -12.82 -10.10 -4.92
CA ILE B 44 -11.42 -9.70 -5.02
C ILE B 44 -11.12 -9.13 -6.40
N GLU B 45 -11.66 -9.76 -7.44
CA GLU B 45 -11.40 -9.34 -8.81
C GLU B 45 -11.99 -7.98 -9.17
N THR B 46 -12.88 -7.44 -8.34
CA THR B 46 -13.42 -6.12 -8.60
C THR B 46 -12.48 -5.00 -8.16
N GLY B 47 -11.46 -5.31 -7.36
CA GLY B 47 -10.60 -4.32 -6.76
C GLY B 47 -9.30 -4.16 -7.51
N ILE B 48 -8.38 -3.44 -6.88
CA ILE B 48 -7.02 -3.27 -7.40
C ILE B 48 -6.18 -4.39 -6.80
N PRO B 49 -5.53 -5.24 -7.60
CA PRO B 49 -4.76 -6.34 -7.03
C PRO B 49 -3.53 -5.85 -6.30
N LEU B 50 -3.30 -6.39 -5.11
CA LEU B 50 -2.08 -6.16 -4.35
C LEU B 50 -1.30 -7.45 -4.15
N ASN B 51 -1.96 -8.51 -3.69
CA ASN B 51 -1.28 -9.76 -3.32
C ASN B 51 -0.06 -9.49 -2.45
N ALA B 52 -0.27 -8.63 -1.45
CA ALA B 52 0.83 -8.10 -0.67
C ALA B 52 0.90 -8.78 0.69
N LYS B 53 2.11 -8.85 1.24
CA LYS B 53 2.28 -9.28 2.62
C LYS B 53 1.57 -8.32 3.56
N VAL B 54 0.98 -8.85 4.63
CA VAL B 54 0.26 -8.02 5.57
C VAL B 54 1.25 -7.23 6.41
N SER B 55 0.91 -5.98 6.70
CA SER B 55 1.56 -5.21 7.74
C SER B 55 0.55 -4.20 8.23
N SER B 56 0.71 -3.76 9.48
CA SER B 56 -0.16 -2.71 9.98
C SER B 56 0.05 -1.44 9.15
N GLU B 57 1.30 -1.19 8.76
CA GLU B 57 1.65 0.01 8.00
C GLU B 57 0.91 0.06 6.67
N LEU B 58 0.91 -1.05 5.92
CA LEU B 58 0.22 -1.07 4.63
C LEU B 58 -1.29 -0.90 4.81
N LEU B 59 -1.86 -1.62 5.80
CA LEU B 59 -3.30 -1.46 6.06
C LEU B 59 -3.67 0.00 6.31
N ILE B 60 -2.91 0.68 7.18
CA ILE B 60 -3.18 2.09 7.46
C ILE B 60 -3.03 2.92 6.20
N ASN B 61 -1.92 2.72 5.45
CA ASN B 61 -1.70 3.52 4.24
C ASN B 61 -2.83 3.35 3.25
N ILE B 62 -3.44 2.17 3.18
CA ILE B 62 -4.49 1.94 2.19
C ILE B 62 -5.72 2.82 2.45
N PHE B 63 -6.09 2.99 3.71
CA PHE B 63 -7.36 3.64 4.04
C PHE B 63 -7.25 5.14 4.29
N ILE B 64 -6.07 5.74 4.10
CA ILE B 64 -5.99 7.19 4.34
C ILE B 64 -7.02 7.92 3.48
N PRO B 65 -7.80 8.85 4.04
CA PRO B 65 -8.84 9.50 3.23
C PRO B 65 -8.28 10.20 2.00
N ASN B 66 -9.11 10.24 0.96
CA ASN B 66 -8.83 10.98 -0.27
C ASN B 66 -7.65 10.42 -1.06
N THR B 67 -7.39 9.12 -0.93
CA THR B 67 -6.34 8.45 -1.68
C THR B 67 -6.91 7.43 -2.64
N PRO B 68 -6.13 6.98 -3.62
CA PRO B 68 -6.69 6.04 -4.61
C PRO B 68 -7.30 4.77 -4.02
N LEU B 69 -6.75 4.24 -2.92
CA LEU B 69 -7.15 2.92 -2.44
C LEU B 69 -8.18 2.93 -1.31
N HIS B 70 -8.62 4.08 -0.82
CA HIS B 70 -9.37 4.09 0.43
C HIS B 70 -10.84 3.74 0.30
N ASP B 71 -11.43 3.86 -0.88
CA ASP B 71 -12.87 3.65 -1.02
C ASP B 71 -13.08 2.22 -1.50
N GLY B 72 -13.90 1.50 -0.78
CA GLY B 72 -14.14 0.10 -1.04
C GLY B 72 -13.46 -0.76 0.02
N ALA B 73 -13.59 -2.06 -0.15
CA ALA B 73 -13.10 -3.00 0.83
C ALA B 73 -11.70 -3.49 0.50
N VAL B 74 -10.90 -3.68 1.54
CA VAL B 74 -9.74 -4.55 1.48
C VAL B 74 -10.19 -5.97 1.75
N ILE B 75 -9.75 -6.90 0.92
CA ILE B 75 -10.02 -8.31 1.14
C ILE B 75 -8.70 -9.03 1.39
N MET B 76 -8.63 -9.70 2.55
CA MET B 76 -7.49 -10.50 2.92
C MET B 76 -7.73 -11.98 2.68
N LYS B 77 -6.70 -12.64 2.20
CA LYS B 77 -6.66 -14.08 2.03
C LYS B 77 -5.48 -14.54 2.86
N ASN B 78 -5.78 -15.28 3.93
CA ASN B 78 -4.79 -15.82 4.85
C ASN B 78 -3.89 -14.70 5.32
N ASN B 79 -2.63 -14.73 4.94
CA ASN B 79 -1.67 -13.76 5.44
C ASN B 79 -1.30 -12.72 4.38
N GLU B 80 -2.20 -12.48 3.43
CA GLU B 80 -1.97 -11.50 2.37
C GLU B 80 -3.15 -10.55 2.23
N ILE B 81 -2.83 -9.33 1.83
CA ILE B 81 -3.82 -8.37 1.33
C ILE B 81 -4.02 -8.68 -0.15
N ALA B 82 -5.15 -9.32 -0.50
CA ALA B 82 -5.34 -9.73 -1.89
C ALA B 82 -5.61 -8.53 -2.80
N ALA B 83 -6.49 -7.63 -2.38
CA ALA B 83 -6.91 -6.50 -3.21
C ALA B 83 -7.52 -5.44 -2.30
N ALA B 84 -7.51 -4.21 -2.82
CA ALA B 84 -8.09 -3.07 -2.14
C ALA B 84 -9.13 -2.44 -3.06
N ALA B 85 -9.99 -1.60 -2.47
CA ALA B 85 -10.98 -0.86 -3.26
C ALA B 85 -11.94 -1.82 -3.96
N CYS B 86 -12.30 -2.90 -3.25
CA CYS B 86 -13.18 -3.92 -3.81
C CYS B 86 -14.65 -3.59 -3.51
N TYR B 87 -15.51 -3.99 -4.44
CA TYR B 87 -16.95 -4.02 -4.25
C TYR B 87 -17.38 -5.18 -3.35
N LEU B 88 -18.35 -4.91 -2.48
CA LEU B 88 -19.11 -5.88 -1.71
C LEU B 88 -20.58 -5.55 -1.88
N PRO B 89 -21.46 -6.54 -1.78
CA PRO B 89 -22.90 -6.28 -1.95
C PRO B 89 -23.47 -5.62 -0.72
N LEU B 90 -24.47 -4.75 -0.93
CA LEU B 90 -25.10 -4.01 0.17
C LEU B 90 -26.23 -4.82 0.78
N SER B 91 -26.19 -4.98 2.10
CA SER B 91 -27.29 -5.64 2.79
C SER B 91 -28.49 -4.72 2.87
N GLU B 92 -29.68 -5.33 2.84
CA GLU B 92 -30.94 -4.67 3.09
C GLU B 92 -31.53 -5.07 4.45
N SER B 93 -30.70 -5.62 5.32
CA SER B 93 -31.18 -6.08 6.61
C SER B 93 -31.75 -4.91 7.40
N PRO B 94 -32.88 -5.10 8.09
CA PRO B 94 -33.43 -4.03 8.91
C PRO B 94 -32.73 -3.89 10.25
N PHE B 95 -31.78 -4.76 10.57
CA PHE B 95 -31.04 -4.72 11.83
C PHE B 95 -29.73 -3.95 11.74
N ILE B 96 -29.56 -3.15 10.71
CA ILE B 96 -28.41 -2.24 10.59
C ILE B 96 -28.89 -0.88 11.08
N SER B 97 -28.23 -0.35 12.11
CA SER B 97 -28.64 0.93 12.67
C SER B 97 -28.80 1.96 11.55
N LYS B 98 -29.89 2.73 11.63
CA LYS B 98 -30.26 3.58 10.50
C LYS B 98 -29.20 4.65 10.22
N GLU B 99 -28.45 5.09 11.22
CA GLU B 99 -27.44 6.13 11.02
C GLU B 99 -26.21 5.65 10.28
N LEU B 100 -26.04 4.34 10.12
CA LEU B 100 -24.83 3.82 9.51
C LEU B 100 -24.88 3.90 7.99
N GLY B 101 -23.71 4.09 7.41
CA GLY B 101 -23.58 4.30 5.98
C GLY B 101 -23.14 3.07 5.22
N THR B 102 -22.58 3.32 4.04
CA THR B 102 -22.41 2.23 3.07
C THR B 102 -21.37 1.21 3.53
N ARG B 103 -20.31 1.61 4.27
CA ARG B 103 -19.30 0.60 4.64
C ARG B 103 -19.94 -0.48 5.50
N HIS B 104 -20.81 -0.10 6.44
CA HIS B 104 -21.42 -1.09 7.30
C HIS B 104 -22.40 -1.96 6.53
N ARG B 105 -23.15 -1.35 5.60
CA ARG B 105 -24.11 -2.13 4.82
C ARG B 105 -23.40 -3.10 3.89
N ALA B 106 -22.26 -2.69 3.32
CA ALA B 106 -21.44 -3.59 2.51
C ALA B 106 -20.89 -4.75 3.33
N ALA B 107 -20.41 -4.45 4.55
CA ALA B 107 -19.89 -5.49 5.43
C ALA B 107 -20.97 -6.51 5.76
N VAL B 108 -22.14 -6.05 6.21
CA VAL B 108 -23.20 -7.03 6.48
C VAL B 108 -23.56 -7.78 5.20
N GLY B 109 -23.54 -7.10 4.06
CA GLY B 109 -23.90 -7.74 2.80
C GLY B 109 -23.00 -8.91 2.46
N ILE B 110 -21.67 -8.71 2.54
CA ILE B 110 -20.80 -9.84 2.23
C ILE B 110 -20.97 -10.94 3.27
N SER B 111 -21.27 -10.58 4.51
CA SER B 111 -21.41 -11.57 5.57
C SER B 111 -22.67 -12.43 5.42
N GLU B 112 -23.61 -12.02 4.58
CA GLU B 112 -24.82 -12.80 4.31
C GLU B 112 -24.61 -13.89 3.27
N VAL B 113 -23.52 -13.84 2.50
CA VAL B 113 -23.31 -14.78 1.40
C VAL B 113 -21.95 -15.44 1.49
N THR B 114 -21.24 -15.22 2.60
CA THR B 114 -19.97 -15.87 2.85
C THR B 114 -19.87 -16.11 4.35
N ASP B 115 -18.87 -16.90 4.75
CA ASP B 115 -18.47 -17.06 6.15
C ASP B 115 -17.33 -16.15 6.55
N SER B 116 -17.11 -15.08 5.78
CA SER B 116 -16.02 -14.16 6.10
C SER B 116 -16.32 -13.36 7.37
N LEU B 117 -15.26 -12.75 7.91
CA LEU B 117 -15.35 -11.83 9.01
C LEU B 117 -14.94 -10.47 8.48
N THR B 118 -15.78 -9.45 8.68
CA THR B 118 -15.47 -8.10 8.19
C THR B 118 -15.42 -7.15 9.37
N ILE B 119 -14.38 -6.33 9.39
CA ILE B 119 -14.20 -5.30 10.41
C ILE B 119 -14.48 -3.95 9.77
N ILE B 120 -15.21 -3.09 10.47
CA ILE B 120 -15.55 -1.76 10.00
C ILE B 120 -15.13 -0.74 11.05
N VAL B 121 -14.45 0.34 10.62
CA VAL B 121 -14.21 1.50 11.46
C VAL B 121 -15.11 2.62 10.98
N SER B 122 -15.87 3.20 11.91
CA SER B 122 -16.73 4.33 11.56
C SER B 122 -15.95 5.63 11.49
N GLU B 123 -16.07 6.36 10.37
CA GLU B 123 -15.45 7.67 10.26
C GLU B 123 -16.22 8.70 11.08
N GLU B 124 -17.43 8.39 11.51
CA GLU B 124 -18.20 9.34 12.28
C GLU B 124 -17.83 9.29 13.75
N THR B 125 -17.73 8.08 14.30
CA THR B 125 -17.54 7.94 15.73
C THR B 125 -16.23 7.32 16.14
N GLY B 126 -15.51 6.66 15.22
CA GLY B 126 -14.37 5.85 15.58
C GLY B 126 -14.73 4.48 16.12
N GLY B 127 -16.02 4.16 16.22
CA GLY B 127 -16.42 2.84 16.70
C GLY B 127 -16.02 1.75 15.74
N VAL B 128 -15.69 0.60 16.32
CA VAL B 128 -15.29 -0.58 15.59
C VAL B 128 -16.41 -1.61 15.66
N SER B 129 -16.72 -2.22 14.51
CA SER B 129 -17.76 -3.23 14.47
C SER B 129 -17.27 -4.40 13.63
N VAL B 130 -17.98 -5.51 13.78
CA VAL B 130 -17.72 -6.72 13.00
C VAL B 130 -19.03 -7.24 12.43
N ALA B 131 -18.96 -7.66 11.17
CA ALA B 131 -20.06 -8.35 10.51
C ALA B 131 -19.69 -9.79 10.25
N LYS B 132 -20.58 -10.69 10.67
CA LYS B 132 -20.39 -12.12 10.46
C LYS B 132 -21.76 -12.77 10.42
N ASN B 133 -21.96 -13.63 9.41
CA ASN B 133 -23.20 -14.41 9.31
C ASN B 133 -24.47 -13.55 9.37
N GLY B 134 -24.39 -12.37 8.75
CA GLY B 134 -25.55 -11.51 8.62
C GLY B 134 -25.82 -10.59 9.79
N ASP B 135 -25.01 -10.66 10.85
CA ASP B 135 -25.18 -9.85 12.04
C ASP B 135 -24.05 -8.84 12.18
N LEU B 136 -24.41 -7.65 12.65
CA LEU B 136 -23.43 -6.61 12.95
C LEU B 136 -23.31 -6.44 14.45
N HIS B 137 -22.07 -6.49 14.94
CA HIS B 137 -21.74 -6.33 16.35
C HIS B 137 -20.93 -5.06 16.48
N ARG B 138 -21.49 -4.09 17.20
CA ARG B 138 -20.92 -2.73 17.22
C ARG B 138 -20.15 -2.43 18.50
N GLU B 139 -19.43 -1.29 18.46
CA GLU B 139 -18.81 -0.68 19.66
C GLU B 139 -17.85 -1.64 20.37
N LEU B 140 -17.06 -2.36 19.59
CA LEU B 140 -16.19 -3.36 20.17
C LEU B 140 -15.00 -2.73 20.87
N THR B 141 -14.65 -3.29 22.01
CA THR B 141 -13.39 -2.94 22.64
C THR B 141 -12.23 -3.56 21.87
N GLU B 142 -11.03 -3.04 22.13
CA GLU B 142 -9.85 -3.62 21.50
C GLU B 142 -9.72 -5.10 21.87
N GLU B 143 -9.97 -5.42 23.13
CA GLU B 143 -9.84 -6.80 23.59
C GLU B 143 -10.85 -7.72 22.89
N ALA B 144 -12.08 -7.23 22.71
CA ALA B 144 -13.11 -8.03 22.08
C ALA B 144 -12.79 -8.30 20.62
N LEU B 145 -12.27 -7.29 19.91
CA LEU B 145 -11.89 -7.51 18.53
C LEU B 145 -10.83 -8.58 18.44
N LYS B 146 -9.78 -8.47 19.27
CA LYS B 146 -8.68 -9.43 19.23
C LYS B 146 -9.17 -10.85 19.51
N GLU B 147 -10.05 -10.99 20.52
CA GLU B 147 -10.60 -12.30 20.86
C GLU B 147 -11.41 -12.87 19.70
N MET B 148 -12.23 -12.02 19.05
CA MET B 148 -13.00 -12.46 17.90
C MET B 148 -12.07 -12.96 16.79
N LEU B 149 -10.99 -12.23 16.54
CA LEU B 149 -10.07 -12.65 15.50
C LEU B 149 -9.38 -13.96 15.86
N GLU B 150 -8.92 -14.08 17.10
CA GLU B 150 -8.24 -15.30 17.53
C GLU B 150 -9.18 -16.49 17.44
N ALA B 151 -10.47 -16.28 17.74
CA ALA B 151 -11.44 -17.36 17.66
C ALA B 151 -11.70 -17.74 16.22
N GLU B 152 -11.60 -16.78 15.31
CA GLU B 152 -11.85 -17.01 13.89
C GLU B 152 -10.75 -17.86 13.28
#